data_2V0X
#
_entry.id   2V0X
#
_cell.length_a   55.084
_cell.length_b   55.683
_cell.length_c   122.911
_cell.angle_alpha   90.00
_cell.angle_beta   90.00
_cell.angle_gamma   90.00
#
_symmetry.space_group_name_H-M   'P 21 21 21'
#
loop_
_entity.id
_entity.type
_entity.pdbx_description
1 polymer 'LAMINA-ASSOCIATED POLYPEPTIDE 2 ISOFORMS ALPHA/ZETA'
2 water water
#
_entity_poly.entity_id   1
_entity_poly.type   'polypeptide(L)'
_entity_poly.pdbx_seq_one_letter_code
;AKSVVSHSLTTLGVEVSKPPPQHDKIEASEPSFPLHESILKVVEEEWQQIDRQLPSVACRYPVSSIEAARILSVPKVDDE
ILGFISEATPAAATQASSTESCDKHLDLALCRSYEAAASALQIAAHTAFVAKSLQADISQAAQIINSDPSDAQQALRILN
RTYDAASYLCDAAFDEVR(MSE)SACA(MSE)GSST(MSE)GRRYLWLKDCKISPASKNKLTVAPFKGGTLFGGEVHKVI
KKRGNKQ
;
_entity_poly.pdbx_strand_id   A,B
#
# COMPACT_ATOMS: atom_id res chain seq x y z
N HIS A 7 -33.01 -3.91 15.99
CA HIS A 7 -33.44 -4.24 14.63
C HIS A 7 -32.66 -3.37 13.62
N SER A 8 -33.07 -2.12 13.51
CA SER A 8 -32.42 -1.19 12.59
C SER A 8 -31.36 -0.38 13.32
N LEU A 9 -30.14 -0.89 13.29
CA LEU A 9 -29.01 -0.20 13.93
C LEU A 9 -28.70 1.02 13.07
N THR A 10 -27.86 1.91 13.57
CA THR A 10 -27.55 3.12 12.81
C THR A 10 -26.09 3.56 12.99
N THR A 11 -25.58 4.35 12.04
CA THR A 11 -24.21 4.83 12.09
C THR A 11 -24.11 6.21 11.43
N LEU A 12 -23.03 6.92 11.73
CA LEU A 12 -22.78 8.24 11.16
C LEU A 12 -22.19 8.09 9.75
N GLY A 13 -21.58 6.94 9.49
CA GLY A 13 -20.99 6.67 8.19
C GLY A 13 -21.94 5.93 7.28
N VAL A 14 -21.39 5.12 6.39
CA VAL A 14 -22.17 4.33 5.43
C VAL A 14 -23.00 3.24 6.12
N GLU A 15 -24.31 3.48 6.22
CA GLU A 15 -25.23 2.53 6.85
C GLU A 15 -25.63 1.38 5.93
N PRO A 31 -15.40 -20.04 -8.59
CA PRO A 31 -14.18 -19.69 -7.85
C PRO A 31 -13.61 -18.32 -8.25
N SER A 32 -14.48 -17.30 -8.25
CA SER A 32 -14.05 -15.96 -8.65
C SER A 32 -14.56 -14.84 -7.73
N PHE A 33 -13.69 -13.84 -7.53
CA PHE A 33 -14.02 -12.68 -6.70
C PHE A 33 -13.84 -11.48 -7.63
N PRO A 34 -14.94 -10.99 -8.22
CA PRO A 34 -14.88 -9.84 -9.12
C PRO A 34 -14.52 -8.53 -8.43
N LEU A 35 -13.79 -7.69 -9.14
CA LEU A 35 -13.40 -6.42 -8.57
C LEU A 35 -14.61 -5.48 -8.55
N HIS A 36 -14.89 -4.98 -7.36
CA HIS A 36 -15.98 -4.06 -7.07
C HIS A 36 -15.87 -2.87 -8.03
N GLU A 37 -16.98 -2.45 -8.61
CA GLU A 37 -16.99 -1.34 -9.53
C GLU A 37 -16.54 0.00 -8.91
N SER A 38 -16.87 0.23 -7.64
CA SER A 38 -16.42 1.46 -7.00
C SER A 38 -14.90 1.47 -6.77
N ILE A 39 -14.31 0.30 -6.61
CA ILE A 39 -12.86 0.22 -6.44
C ILE A 39 -12.17 0.63 -7.75
N LEU A 40 -12.71 0.16 -8.86
CA LEU A 40 -12.18 0.46 -10.18
C LEU A 40 -12.29 1.95 -10.47
N LYS A 41 -13.41 2.53 -10.05
CA LYS A 41 -13.66 3.94 -10.25
C LYS A 41 -12.66 4.78 -9.45
N VAL A 42 -12.37 4.35 -8.23
CA VAL A 42 -11.41 5.05 -7.38
C VAL A 42 -10.03 5.02 -8.03
N VAL A 43 -9.62 3.84 -8.47
CA VAL A 43 -8.31 3.68 -9.10
C VAL A 43 -8.21 4.55 -10.37
N GLU A 44 -9.22 4.48 -11.22
CA GLU A 44 -9.25 5.23 -12.47
C GLU A 44 -9.20 6.74 -12.29
N GLU A 45 -9.87 7.26 -11.28
CA GLU A 45 -9.85 8.70 -11.05
C GLU A 45 -8.49 9.17 -10.54
N GLU A 46 -7.82 8.37 -9.70
CA GLU A 46 -6.50 8.76 -9.22
C GLU A 46 -5.51 8.78 -10.39
N TRP A 47 -5.70 7.84 -11.31
CA TRP A 47 -4.84 7.72 -12.48
C TRP A 47 -5.05 8.73 -13.62
N GLN A 48 -6.09 9.55 -13.48
CA GLN A 48 -6.36 10.58 -14.48
C GLN A 48 -5.25 11.61 -14.40
N GLN A 49 -4.74 11.80 -13.20
CA GLN A 49 -3.65 12.74 -12.97
C GLN A 49 -2.70 12.09 -11.96
N ILE A 50 -1.75 11.30 -12.49
CA ILE A 50 -0.80 10.56 -11.65
C ILE A 50 0.25 11.40 -10.94
N ASP A 51 0.41 12.64 -11.36
CA ASP A 51 1.39 13.54 -10.79
C ASP A 51 0.65 14.61 -10.00
N ARG A 52 0.23 14.25 -8.79
CA ARG A 52 -0.53 15.14 -7.93
C ARG A 52 -0.11 14.88 -6.49
N GLN A 53 -0.51 15.76 -5.57
CA GLN A 53 -0.13 15.55 -4.18
C GLN A 53 -0.90 14.41 -3.58
N LEU A 54 -0.23 13.68 -2.69
CA LEU A 54 -0.84 12.56 -2.01
C LEU A 54 -1.74 13.07 -0.91
N PRO A 55 -2.95 12.49 -0.79
CA PRO A 55 -3.94 12.86 0.23
C PRO A 55 -3.35 12.58 1.61
N SER A 56 -3.47 13.54 2.52
CA SER A 56 -2.97 13.35 3.87
C SER A 56 -3.99 12.45 4.61
N VAL A 57 -3.49 11.62 5.51
CA VAL A 57 -4.33 10.74 6.31
C VAL A 57 -4.10 11.10 7.79
N ALA A 58 -3.39 12.20 8.03
CA ALA A 58 -3.08 12.63 9.40
C ALA A 58 -4.27 12.87 10.34
N CYS A 59 -5.38 13.40 9.83
CA CYS A 59 -6.53 13.66 10.69
C CYS A 59 -7.43 12.47 10.92
N ARG A 60 -7.55 11.60 9.94
CA ARG A 60 -8.44 10.45 10.06
C ARG A 60 -7.75 9.22 10.63
N TYR A 61 -6.46 9.05 10.33
CA TYR A 61 -5.72 7.91 10.83
C TYR A 61 -4.45 8.36 11.52
N PRO A 62 -4.60 9.04 12.67
CA PRO A 62 -3.48 9.56 13.49
C PRO A 62 -2.45 8.51 13.88
N VAL A 63 -1.17 8.83 13.67
CA VAL A 63 -0.08 7.92 14.01
C VAL A 63 0.07 7.79 15.53
N SER A 64 0.00 6.57 16.04
CA SER A 64 0.08 6.32 17.48
C SER A 64 1.47 6.07 18.11
N SER A 65 2.35 7.09 18.06
CA SER A 65 3.70 7.06 18.65
C SER A 65 4.76 7.88 17.91
N ILE A 66 5.86 8.14 18.62
CA ILE A 66 6.98 8.89 18.05
C ILE A 66 7.79 7.94 17.16
N GLU A 67 7.85 6.67 17.57
CA GLU A 67 8.60 5.65 16.84
C GLU A 67 7.99 5.37 15.48
N ALA A 68 6.68 5.16 15.46
CA ALA A 68 5.98 4.93 14.22
C ALA A 68 6.16 6.16 13.33
N ALA A 69 6.01 7.34 13.95
CA ALA A 69 6.14 8.61 13.26
C ALA A 69 7.45 8.71 12.48
N ARG A 70 8.56 8.39 13.13
CA ARG A 70 9.86 8.47 12.47
C ARG A 70 9.96 7.44 11.34
N ILE A 71 9.45 6.23 11.59
CA ILE A 71 9.45 5.14 10.64
C ILE A 71 8.52 5.34 9.44
N LEU A 72 7.50 6.19 9.60
CA LEU A 72 6.55 6.47 8.54
C LEU A 72 6.97 7.62 7.64
N SER A 73 7.78 8.53 8.14
CA SER A 73 8.21 9.66 7.32
C SER A 73 9.18 9.20 6.22
N VAL A 74 9.15 9.92 5.11
CA VAL A 74 10.02 9.63 3.99
C VAL A 74 11.45 9.78 4.54
N PRO A 75 12.25 8.72 4.48
CA PRO A 75 13.61 8.82 5.00
C PRO A 75 14.48 9.83 4.24
N LYS A 76 15.25 10.59 5.00
CA LYS A 76 16.11 11.61 4.45
C LYS A 76 17.45 11.07 4.00
N VAL A 77 18.08 11.80 3.09
CA VAL A 77 19.40 11.39 2.61
C VAL A 77 20.38 11.87 3.68
N ASP A 78 21.07 10.93 4.31
CA ASP A 78 22.04 11.24 5.37
C ASP A 78 23.00 12.36 4.97
N ASP A 79 23.24 13.27 5.91
CA ASP A 79 24.15 14.40 5.68
C ASP A 79 25.55 13.90 5.31
N GLU A 80 25.95 12.77 5.90
CA GLU A 80 27.25 12.15 5.63
C GLU A 80 27.40 11.90 4.12
N ILE A 81 26.35 11.34 3.52
CA ILE A 81 26.34 11.04 2.10
C ILE A 81 26.29 12.33 1.27
N LEU A 82 25.50 13.30 1.70
CA LEU A 82 25.40 14.58 0.98
C LEU A 82 26.75 15.29 0.94
N GLY A 83 27.56 15.08 1.97
CA GLY A 83 28.87 15.70 2.04
C GLY A 83 29.77 15.27 0.91
N PHE A 84 29.62 14.02 0.48
CA PHE A 84 30.42 13.46 -0.60
C PHE A 84 29.81 13.66 -1.98
N ILE A 85 28.85 14.58 -2.08
CA ILE A 85 28.21 14.90 -3.34
C ILE A 85 28.37 16.41 -3.59
N SER A 86 28.17 17.21 -2.54
CA SER A 86 28.30 18.65 -2.64
C SER A 86 29.76 19.05 -2.90
N SER A 98 22.95 15.42 -18.79
CA SER A 98 22.15 16.43 -18.09
C SER A 98 20.89 15.80 -17.49
N THR A 99 21.04 14.54 -17.04
CA THR A 99 19.95 13.80 -16.44
C THR A 99 19.57 14.24 -15.02
N GLU A 100 20.05 15.40 -14.59
CA GLU A 100 19.75 15.91 -13.25
C GLU A 100 18.24 16.13 -13.11
N SER A 101 17.61 16.57 -14.20
CA SER A 101 16.17 16.79 -14.20
C SER A 101 15.50 15.43 -13.94
N CYS A 102 16.03 14.40 -14.60
CA CYS A 102 15.53 13.03 -14.45
C CYS A 102 15.68 12.60 -12.99
N ASP A 103 16.88 12.79 -12.44
CA ASP A 103 17.19 12.44 -11.07
C ASP A 103 16.21 13.02 -10.04
N LYS A 104 15.78 14.26 -10.23
CA LYS A 104 14.83 14.89 -9.32
C LYS A 104 13.46 14.25 -9.46
N HIS A 105 13.05 13.99 -10.70
CA HIS A 105 11.75 13.36 -10.96
C HIS A 105 11.71 11.93 -10.43
N LEU A 106 12.81 11.20 -10.58
CA LEU A 106 12.87 9.84 -10.09
C LEU A 106 12.80 9.85 -8.55
N ASP A 107 13.53 10.77 -7.92
CA ASP A 107 13.53 10.87 -6.47
C ASP A 107 12.11 11.19 -5.98
N LEU A 108 11.46 12.12 -6.65
CA LEU A 108 10.10 12.48 -6.27
C LEU A 108 9.16 11.26 -6.35
N ALA A 109 9.25 10.52 -7.47
CA ALA A 109 8.41 9.34 -7.66
C ALA A 109 8.63 8.34 -6.53
N LEU A 110 9.90 8.06 -6.23
CA LEU A 110 10.20 7.12 -5.18
C LEU A 110 9.73 7.62 -3.81
N CYS A 111 9.83 8.93 -3.58
CA CYS A 111 9.41 9.54 -2.32
C CYS A 111 7.89 9.41 -2.16
N ARG A 112 7.15 9.67 -3.24
CA ARG A 112 5.70 9.55 -3.22
C ARG A 112 5.26 8.10 -3.03
N SER A 113 5.98 7.16 -3.65
CA SER A 113 5.67 5.74 -3.50
C SER A 113 5.78 5.38 -2.02
N TYR A 114 6.86 5.86 -1.39
CA TYR A 114 7.09 5.60 0.03
C TYR A 114 5.97 6.26 0.86
N GLU A 115 5.63 7.49 0.52
CA GLU A 115 4.63 8.23 1.28
C GLU A 115 3.23 7.59 1.16
N ALA A 116 2.88 7.15 -0.04
CA ALA A 116 1.58 6.51 -0.28
C ALA A 116 1.49 5.19 0.50
N ALA A 117 2.60 4.45 0.51
CA ALA A 117 2.66 3.18 1.22
C ALA A 117 2.64 3.37 2.75
N ALA A 118 3.30 4.43 3.22
CA ALA A 118 3.34 4.75 4.67
C ALA A 118 1.92 5.08 5.13
N SER A 119 1.20 5.83 4.32
CA SER A 119 -0.17 6.21 4.62
C SER A 119 -1.06 4.97 4.69
N ALA A 120 -0.89 4.06 3.71
CA ALA A 120 -1.66 2.81 3.68
C ALA A 120 -1.35 2.01 4.95
N LEU A 121 -0.11 2.06 5.39
CA LEU A 121 0.28 1.35 6.59
C LEU A 121 -0.38 1.97 7.83
N GLN A 122 -0.45 3.29 7.86
CA GLN A 122 -1.06 3.98 8.98
C GLN A 122 -2.53 3.56 9.07
N ILE A 123 -3.19 3.51 7.92
CA ILE A 123 -4.59 3.10 7.87
C ILE A 123 -4.75 1.66 8.33
N ALA A 124 -3.89 0.78 7.82
CA ALA A 124 -3.98 -0.64 8.14
C ALA A 124 -3.81 -0.83 9.63
N ALA A 125 -2.92 -0.04 10.23
CA ALA A 125 -2.65 -0.09 11.65
C ALA A 125 -3.94 0.24 12.41
N HIS A 126 -4.66 1.26 11.95
CA HIS A 126 -5.92 1.66 12.60
C HIS A 126 -6.96 0.55 12.46
N THR A 127 -6.99 -0.04 11.28
CA THR A 127 -7.88 -1.14 10.97
C THR A 127 -7.65 -2.32 11.92
N ALA A 128 -6.40 -2.63 12.20
CA ALA A 128 -6.06 -3.72 13.11
C ALA A 128 -6.70 -3.51 14.49
N PHE A 129 -6.52 -2.31 15.02
CA PHE A 129 -7.04 -1.92 16.33
C PHE A 129 -8.56 -2.02 16.35
N VAL A 130 -9.21 -1.51 15.31
CA VAL A 130 -10.65 -1.55 15.21
C VAL A 130 -11.19 -2.98 15.06
N ALA A 131 -10.52 -3.79 14.23
CA ALA A 131 -10.92 -5.19 14.02
C ALA A 131 -10.91 -5.88 15.38
N LYS A 132 -9.88 -5.59 16.16
CA LYS A 132 -9.73 -6.16 17.49
C LYS A 132 -10.82 -5.73 18.47
N SER A 133 -11.11 -4.43 18.53
CA SER A 133 -12.14 -3.96 19.45
C SER A 133 -13.48 -4.57 19.05
N LEU A 134 -13.75 -4.57 17.75
CA LEU A 134 -14.99 -5.13 17.20
C LEU A 134 -15.11 -6.60 17.66
N GLN A 135 -13.99 -7.29 17.67
CA GLN A 135 -13.95 -8.69 18.08
C GLN A 135 -14.32 -8.83 19.56
N ALA A 136 -13.74 -7.98 20.40
CA ALA A 136 -14.03 -7.98 21.84
C ALA A 136 -15.51 -7.67 22.07
N ASP A 137 -16.05 -6.70 21.33
CA ASP A 137 -17.46 -6.35 21.46
C ASP A 137 -18.40 -7.51 21.08
N ILE A 138 -18.06 -8.23 20.02
CA ILE A 138 -18.89 -9.36 19.58
C ILE A 138 -18.98 -10.43 20.68
N SER A 139 -17.85 -10.78 21.28
CA SER A 139 -17.82 -11.76 22.35
C SER A 139 -18.68 -11.27 23.49
N GLN A 140 -18.52 -10.00 23.85
CA GLN A 140 -19.28 -9.40 24.94
C GLN A 140 -20.78 -9.58 24.70
N ALA A 141 -21.24 -9.20 23.51
CA ALA A 141 -22.65 -9.31 23.15
C ALA A 141 -23.09 -10.78 23.18
N ALA A 142 -22.23 -11.67 22.69
CA ALA A 142 -22.55 -13.09 22.69
C ALA A 142 -22.83 -13.55 24.12
N GLN A 143 -21.97 -13.12 25.04
CA GLN A 143 -22.07 -13.47 26.46
C GLN A 143 -23.35 -12.95 27.08
N ILE A 144 -23.82 -11.80 26.62
CA ILE A 144 -25.05 -11.21 27.14
C ILE A 144 -26.25 -12.00 26.61
N ILE A 145 -26.29 -12.20 25.29
CA ILE A 145 -27.38 -12.92 24.65
C ILE A 145 -27.54 -14.32 25.24
N ASN A 146 -26.41 -14.94 25.60
CA ASN A 146 -26.43 -16.28 26.16
C ASN A 146 -26.99 -16.33 27.59
N SER A 147 -26.58 -15.39 28.43
CA SER A 147 -27.06 -15.31 29.81
C SER A 147 -28.53 -14.85 29.84
N ASP A 148 -29.40 -15.74 29.36
CA ASP A 148 -30.85 -15.50 29.27
C ASP A 148 -31.20 -14.37 28.31
N PRO A 149 -31.75 -14.72 27.14
CA PRO A 149 -32.15 -13.75 26.11
C PRO A 149 -33.26 -12.82 26.57
N SER A 150 -32.88 -11.83 27.39
CA SER A 150 -33.81 -10.85 27.92
C SER A 150 -33.13 -9.49 28.04
N ASP A 151 -31.81 -9.49 28.18
CA ASP A 151 -31.03 -8.26 28.29
C ASP A 151 -30.72 -7.72 26.90
N ALA A 152 -31.70 -7.85 26.01
CA ALA A 152 -31.58 -7.41 24.63
C ALA A 152 -31.07 -5.98 24.51
N GLN A 153 -31.69 -5.06 25.25
CA GLN A 153 -31.29 -3.66 25.19
C GLN A 153 -29.79 -3.42 25.32
N GLN A 154 -29.15 -4.16 26.22
CA GLN A 154 -27.73 -4.03 26.44
C GLN A 154 -26.97 -4.54 25.21
N ALA A 155 -27.26 -5.79 24.84
CA ALA A 155 -26.62 -6.43 23.69
C ALA A 155 -26.83 -5.63 22.42
N LEU A 156 -28.01 -5.03 22.27
CA LEU A 156 -28.33 -4.23 21.10
C LEU A 156 -27.54 -2.94 21.07
N ARG A 157 -27.17 -2.47 22.24
CA ARG A 157 -26.38 -1.25 22.36
C ARG A 157 -24.96 -1.61 21.88
N ILE A 158 -24.46 -2.75 22.34
CA ILE A 158 -23.13 -3.22 21.95
C ILE A 158 -23.05 -3.49 20.44
N LEU A 159 -24.12 -4.03 19.88
CA LEU A 159 -24.17 -4.32 18.46
C LEU A 159 -24.21 -3.05 17.62
N ASN A 160 -24.79 -2.00 18.18
CA ASN A 160 -24.87 -0.71 17.49
C ASN A 160 -23.43 -0.20 17.31
N ARG A 161 -22.59 -0.40 18.31
CA ARG A 161 -21.19 0.00 18.23
C ARG A 161 -20.45 -0.85 17.16
N THR A 162 -20.69 -2.17 17.13
CA THR A 162 -20.01 -3.02 16.18
C THR A 162 -20.39 -2.69 14.76
N TYR A 163 -21.65 -2.33 14.58
CA TYR A 163 -22.17 -1.98 13.28
C TYR A 163 -21.41 -0.74 12.76
N ASP A 164 -21.16 0.21 13.66
CA ASP A 164 -20.43 1.41 13.28
C ASP A 164 -18.99 1.05 12.93
N ALA A 165 -18.40 0.19 13.76
CA ALA A 165 -17.02 -0.25 13.54
C ALA A 165 -16.89 -0.92 12.16
N ALA A 166 -17.90 -1.67 11.76
CA ALA A 166 -17.90 -2.36 10.48
C ALA A 166 -17.95 -1.35 9.32
N SER A 167 -18.78 -0.32 9.46
CA SER A 167 -18.86 0.75 8.45
C SER A 167 -17.53 1.47 8.31
N TYR A 168 -16.90 1.75 9.45
CA TYR A 168 -15.60 2.41 9.52
C TYR A 168 -14.56 1.58 8.75
N LEU A 169 -14.55 0.27 9.00
CA LEU A 169 -13.64 -0.67 8.36
C LEU A 169 -13.83 -0.65 6.85
N CYS A 170 -15.07 -0.61 6.38
CA CYS A 170 -15.33 -0.55 4.96
C CYS A 170 -14.78 0.75 4.36
N ASP A 171 -14.95 1.87 5.09
CA ASP A 171 -14.42 3.16 4.64
C ASP A 171 -12.88 3.12 4.63
N ALA A 172 -12.29 2.52 5.65
CA ALA A 172 -10.84 2.43 5.73
C ALA A 172 -10.31 1.60 4.57
N ALA A 173 -11.09 0.61 4.13
CA ALA A 173 -10.66 -0.24 3.04
C ALA A 173 -10.59 0.59 1.74
N PHE A 174 -11.58 1.45 1.50
CA PHE A 174 -11.55 2.29 0.31
C PHE A 174 -10.41 3.33 0.37
N ASP A 175 -10.03 3.74 1.58
CA ASP A 175 -8.92 4.67 1.69
C ASP A 175 -7.62 3.91 1.33
N GLU A 176 -7.51 2.67 1.77
N GLU A 176 -7.50 2.66 1.77
CA GLU A 176 -6.34 1.83 1.47
CA GLU A 176 -6.31 1.87 1.44
C GLU A 176 -6.23 1.72 -0.06
C GLU A 176 -6.23 1.73 -0.08
N VAL A 177 -7.38 1.52 -0.72
CA VAL A 177 -7.42 1.39 -2.16
C VAL A 177 -6.87 2.66 -2.81
N ARG A 178 -7.35 3.81 -2.34
CA ARG A 178 -6.92 5.09 -2.89
C ARG A 178 -5.41 5.26 -2.78
N MSE A 179 -4.87 4.96 -1.60
CA MSE A 179 -3.45 5.07 -1.38
C MSE A 179 -2.68 4.14 -2.32
O MSE A 179 -1.68 4.57 -2.93
CB MSE A 179 -3.10 4.78 0.08
CG MSE A 179 -3.57 5.83 1.11
SE MSE A 179 -3.40 7.73 0.62
CE MSE A 179 -1.55 7.84 0.21
N SER A 180 -3.15 2.91 -2.51
CA SER A 180 -2.49 1.96 -3.42
C SER A 180 -2.46 2.52 -4.85
N ALA A 181 -3.58 3.10 -5.26
CA ALA A 181 -3.73 3.69 -6.59
C ALA A 181 -2.70 4.82 -6.75
N CYS A 182 -2.50 5.61 -5.71
CA CYS A 182 -1.53 6.71 -5.76
C CYS A 182 -0.12 6.15 -5.87
N ALA A 183 0.19 5.13 -5.08
CA ALA A 183 1.50 4.49 -5.11
C ALA A 183 1.79 3.90 -6.51
N MSE A 184 0.80 3.27 -7.10
CA MSE A 184 0.91 2.69 -8.44
C MSE A 184 1.12 3.78 -9.48
O MSE A 184 1.86 3.58 -10.43
CB MSE A 184 -0.33 1.85 -8.77
CG MSE A 184 -0.41 0.58 -7.89
SE MSE A 184 -2.23 -0.09 -7.58
CE MSE A 184 -2.39 -1.11 -9.20
N GLY A 185 0.44 4.91 -9.29
CA GLY A 185 0.57 6.03 -10.22
C GLY A 185 1.95 6.69 -10.16
N SER A 186 2.51 6.75 -8.95
CA SER A 186 3.84 7.35 -8.77
C SER A 186 4.90 6.41 -9.33
N SER A 187 4.73 5.12 -9.11
CA SER A 187 5.67 4.14 -9.65
C SER A 187 5.72 4.31 -11.16
N THR A 188 4.55 4.33 -11.78
CA THR A 188 4.40 4.49 -13.23
C THR A 188 5.05 5.79 -13.75
N MSE A 189 4.76 6.90 -13.07
CA MSE A 189 5.33 8.19 -13.42
C MSE A 189 6.86 8.10 -13.41
O MSE A 189 7.54 8.61 -14.32
CB MSE A 189 4.87 9.26 -12.42
CG MSE A 189 5.28 10.67 -12.83
SE MSE A 189 5.16 11.98 -11.40
CE MSE A 189 6.90 11.66 -10.59
N GLY A 190 7.39 7.44 -12.39
CA GLY A 190 8.82 7.28 -12.27
C GLY A 190 9.42 6.48 -13.42
N ARG A 191 8.73 5.40 -13.82
CA ARG A 191 9.24 4.56 -14.91
C ARG A 191 9.12 5.23 -16.26
N ARG A 192 8.21 6.18 -16.37
CA ARG A 192 8.04 6.92 -17.61
C ARG A 192 9.26 7.84 -17.78
N TYR A 193 9.64 8.56 -16.73
CA TYR A 193 10.82 9.42 -16.80
C TYR A 193 12.04 8.58 -17.08
N LEU A 194 12.16 7.47 -16.34
CA LEU A 194 13.31 6.59 -16.51
C LEU A 194 13.49 6.04 -17.94
N TRP A 195 12.41 5.62 -18.56
CA TRP A 195 12.50 5.06 -19.91
C TRP A 195 12.73 6.08 -21.04
N LEU A 196 12.45 7.35 -20.76
CA LEU A 196 12.63 8.44 -21.72
C LEU A 196 13.91 9.23 -21.50
N LYS A 197 14.64 8.96 -20.41
CA LYS A 197 15.82 9.74 -20.09
C LYS A 197 16.99 9.77 -21.06
N ASP A 198 17.17 8.72 -21.85
CA ASP A 198 18.31 8.67 -22.78
C ASP A 198 18.01 8.84 -24.27
N CYS A 199 16.74 8.77 -24.66
CA CYS A 199 16.41 8.95 -26.06
C CYS A 199 16.38 10.44 -26.41
N LYS A 200 16.47 10.74 -27.70
CA LYS A 200 16.49 12.12 -28.16
C LYS A 200 15.18 12.57 -28.79
N ILE A 201 14.30 13.10 -27.93
CA ILE A 201 13.01 13.60 -28.36
C ILE A 201 12.83 14.92 -27.62
N SER A 202 12.09 15.85 -28.22
CA SER A 202 11.86 17.16 -27.62
C SER A 202 11.22 17.05 -26.24
N PRO A 203 11.59 17.96 -25.31
CA PRO A 203 11.05 17.97 -23.95
C PRO A 203 9.52 18.00 -24.00
N ALA A 204 8.98 18.57 -25.08
CA ALA A 204 7.54 18.67 -25.28
C ALA A 204 6.92 17.28 -25.40
N SER A 205 7.47 16.48 -26.30
CA SER A 205 6.99 15.12 -26.54
C SER A 205 7.17 14.26 -25.29
N LYS A 206 8.31 14.42 -24.61
CA LYS A 206 8.59 13.66 -23.40
C LYS A 206 7.61 14.03 -22.30
N ASN A 207 7.39 15.32 -22.11
CA ASN A 207 6.46 15.80 -21.08
C ASN A 207 5.06 15.26 -21.35
N LYS A 208 4.61 15.38 -22.60
CA LYS A 208 3.29 14.91 -23.00
C LYS A 208 3.13 13.44 -22.62
N LEU A 209 4.13 12.63 -22.96
CA LEU A 209 4.12 11.20 -22.66
C LEU A 209 4.14 10.89 -21.16
N THR A 210 4.79 11.73 -20.38
CA THR A 210 4.92 11.52 -18.94
C THR A 210 3.71 11.90 -18.07
N VAL A 211 2.96 12.91 -18.48
CA VAL A 211 1.81 13.36 -17.70
C VAL A 211 0.48 12.79 -18.17
N ALA A 212 0.52 12.08 -19.30
CA ALA A 212 -0.68 11.47 -19.87
C ALA A 212 -1.39 10.56 -18.87
N PRO A 213 -2.72 10.45 -18.98
CA PRO A 213 -3.46 9.59 -18.06
C PRO A 213 -2.97 8.16 -18.20
N PHE A 214 -3.13 7.39 -17.12
CA PHE A 214 -2.69 6.02 -17.08
C PHE A 214 -3.90 5.08 -16.90
N LYS A 215 -3.97 3.99 -17.67
CA LYS A 215 -5.10 3.06 -17.55
C LYS A 215 -4.69 1.66 -17.12
N GLY A 216 -3.45 1.49 -16.68
CA GLY A 216 -3.01 0.16 -16.31
C GLY A 216 -2.73 -0.50 -17.64
N GLY A 217 -2.17 -1.70 -17.64
CA GLY A 217 -1.90 -2.33 -18.93
C GLY A 217 -0.53 -1.97 -19.45
N THR A 218 -0.39 -0.79 -20.05
CA THR A 218 0.91 -0.37 -20.58
C THR A 218 1.39 0.91 -19.90
N LEU A 219 2.70 1.10 -19.89
CA LEU A 219 3.32 2.25 -19.27
C LEU A 219 2.88 3.61 -19.77
N PHE A 220 2.86 3.79 -21.08
CA PHE A 220 2.48 5.09 -21.65
C PHE A 220 1.03 5.17 -22.14
N GLY A 221 0.27 4.09 -21.98
CA GLY A 221 -1.11 4.10 -22.43
C GLY A 221 -1.16 3.87 -23.93
N GLY A 222 -0.49 4.72 -24.69
CA GLY A 222 -0.46 4.56 -26.13
C GLY A 222 -0.75 5.79 -26.96
N GLU A 223 0.13 6.79 -26.92
CA GLU A 223 -0.08 7.98 -27.73
C GLU A 223 0.33 7.56 -29.15
N VAL A 224 -0.59 6.90 -29.85
CA VAL A 224 -0.36 6.41 -31.21
C VAL A 224 0.32 7.46 -32.08
N HIS A 225 -0.26 8.65 -32.15
CA HIS A 225 0.33 9.72 -32.93
C HIS A 225 1.29 10.52 -32.08
N LYS A 226 2.52 10.02 -31.98
CA LYS A 226 3.58 10.65 -31.21
C LYS A 226 4.07 11.90 -31.93
N VAL A 227 4.47 11.73 -33.19
CA VAL A 227 4.97 12.83 -34.01
C VAL A 227 3.89 13.89 -34.18
N HIS B 7 -21.95 -18.94 24.12
CA HIS B 7 -21.14 -17.73 24.07
C HIS B 7 -19.68 -18.03 23.73
N SER B 8 -19.39 -19.32 23.57
CA SER B 8 -18.04 -19.76 23.23
C SER B 8 -17.80 -19.51 21.73
N LEU B 9 -17.19 -18.37 21.42
CA LEU B 9 -16.90 -18.01 20.04
C LEU B 9 -15.48 -18.45 19.68
N THR B 10 -15.29 -18.94 18.47
CA THR B 10 -13.99 -19.41 18.02
C THR B 10 -13.71 -19.10 16.55
N THR B 11 -12.44 -19.08 16.19
CA THR B 11 -12.00 -18.82 14.83
C THR B 11 -10.87 -19.76 14.46
N LEU B 12 -10.97 -20.39 13.30
CA LEU B 12 -9.94 -21.31 12.85
C LEU B 12 -8.70 -20.51 12.43
N GLY B 13 -7.89 -20.15 13.41
CA GLY B 13 -6.68 -19.39 13.14
C GLY B 13 -7.00 -17.93 12.88
N PRO B 34 -0.05 -6.19 22.79
CA PRO B 34 1.10 -5.63 22.08
C PRO B 34 0.85 -5.45 20.59
N LEU B 35 -0.32 -4.91 20.26
CA LEU B 35 -0.74 -4.66 18.88
C LEU B 35 0.26 -3.78 18.12
N HIS B 36 0.62 -2.64 18.70
CA HIS B 36 1.57 -1.72 18.09
C HIS B 36 2.93 -2.40 17.92
N GLU B 37 3.33 -3.15 18.95
CA GLU B 37 4.59 -3.88 18.93
C GLU B 37 4.62 -4.88 17.77
N SER B 38 3.50 -5.56 17.56
CA SER B 38 3.39 -6.55 16.48
C SER B 38 3.57 -5.88 15.12
N ILE B 39 2.95 -4.71 14.94
CA ILE B 39 3.06 -3.96 13.69
C ILE B 39 4.52 -3.57 13.43
N LEU B 40 5.21 -3.08 14.48
CA LEU B 40 6.61 -2.70 14.35
C LEU B 40 7.50 -3.88 13.99
N LYS B 41 7.23 -5.04 14.59
CA LYS B 41 7.99 -6.25 14.32
C LYS B 41 7.94 -6.61 12.84
N VAL B 42 6.73 -6.70 12.29
CA VAL B 42 6.57 -7.05 10.88
C VAL B 42 7.29 -6.06 9.96
N VAL B 43 7.14 -4.76 10.20
CA VAL B 43 7.82 -3.76 9.38
C VAL B 43 9.34 -3.98 9.46
N GLU B 44 9.87 -4.14 10.69
CA GLU B 44 11.30 -4.34 10.88
C GLU B 44 11.84 -5.64 10.25
N GLU B 45 11.03 -6.70 10.27
CA GLU B 45 11.43 -7.98 9.68
C GLU B 45 11.62 -7.84 8.18
N GLU B 46 10.70 -7.13 7.52
CA GLU B 46 10.78 -6.94 6.08
C GLU B 46 11.94 -6.04 5.70
N TRP B 47 12.24 -5.08 6.57
CA TRP B 47 13.31 -4.13 6.30
C TRP B 47 14.73 -4.66 6.51
N GLN B 48 14.85 -5.88 7.00
CA GLN B 48 16.17 -6.47 7.23
C GLN B 48 16.79 -6.86 5.89
N GLN B 49 15.96 -7.02 4.88
CA GLN B 49 16.43 -7.39 3.54
C GLN B 49 15.48 -6.67 2.58
N ILE B 50 15.79 -5.43 2.23
CA ILE B 50 14.89 -4.66 1.34
C ILE B 50 14.91 -5.10 -0.12
N ASP B 51 15.99 -5.76 -0.53
CA ASP B 51 16.13 -6.26 -1.90
C ASP B 51 15.67 -7.72 -1.89
N ARG B 52 14.37 -7.92 -2.05
CA ARG B 52 13.80 -9.26 -2.03
C ARG B 52 12.46 -9.33 -2.76
N GLN B 53 12.17 -10.49 -3.31
CA GLN B 53 10.94 -10.74 -4.05
C GLN B 53 9.73 -10.61 -3.12
N LEU B 54 8.64 -10.09 -3.65
CA LEU B 54 7.42 -9.90 -2.89
C LEU B 54 6.57 -11.15 -2.69
N PRO B 55 6.02 -11.37 -1.48
CA PRO B 55 5.17 -12.55 -1.25
C PRO B 55 3.90 -12.44 -2.08
N SER B 56 3.36 -13.57 -2.51
CA SER B 56 2.16 -13.61 -3.31
C SER B 56 0.88 -13.49 -2.48
N VAL B 57 -0.15 -12.91 -3.08
CA VAL B 57 -1.45 -12.75 -2.41
C VAL B 57 -2.50 -13.49 -3.25
N ALA B 58 -2.08 -14.10 -4.36
CA ALA B 58 -3.01 -14.78 -5.24
C ALA B 58 -3.86 -15.88 -4.59
N CYS B 59 -3.29 -16.64 -3.66
CA CYS B 59 -4.07 -17.69 -3.01
C CYS B 59 -4.94 -17.20 -1.88
N ARG B 60 -4.41 -16.28 -1.11
CA ARG B 60 -5.13 -15.77 0.05
C ARG B 60 -6.13 -14.67 -0.27
N TYR B 61 -5.85 -13.88 -1.30
CA TYR B 61 -6.74 -12.79 -1.67
C TYR B 61 -6.95 -12.75 -3.17
N PRO B 62 -7.53 -13.82 -3.72
CA PRO B 62 -7.81 -13.95 -5.16
C PRO B 62 -8.78 -12.90 -5.71
N VAL B 63 -8.48 -12.43 -6.91
CA VAL B 63 -9.33 -11.44 -7.57
C VAL B 63 -9.50 -11.86 -9.03
N SER B 64 -10.64 -11.51 -9.60
CA SER B 64 -10.95 -11.84 -10.98
C SER B 64 -11.48 -10.65 -11.75
N SER B 65 -11.50 -10.82 -13.08
CA SER B 65 -11.99 -9.87 -14.07
C SER B 65 -10.89 -9.35 -15.00
N ILE B 66 -11.27 -9.15 -16.26
CA ILE B 66 -10.36 -8.62 -17.26
C ILE B 66 -9.84 -7.26 -16.75
N GLU B 67 -10.75 -6.52 -16.12
CA GLU B 67 -10.43 -5.20 -15.60
C GLU B 67 -9.38 -5.20 -14.49
N ALA B 68 -9.52 -6.10 -13.54
CA ALA B 68 -8.57 -6.16 -12.44
C ALA B 68 -7.23 -6.70 -12.93
N ALA B 69 -7.27 -7.60 -13.91
CA ALA B 69 -6.05 -8.18 -14.47
C ALA B 69 -5.21 -7.09 -15.12
N ARG B 70 -5.86 -6.18 -15.83
CA ARG B 70 -5.14 -5.07 -16.47
C ARG B 70 -4.53 -4.16 -15.40
N ILE B 71 -5.34 -3.81 -14.41
CA ILE B 71 -4.95 -2.92 -13.32
C ILE B 71 -3.86 -3.43 -12.37
N LEU B 72 -3.98 -4.68 -11.96
CA LEU B 72 -3.06 -5.27 -10.99
C LEU B 72 -1.66 -5.64 -11.47
N SER B 73 -1.51 -5.85 -12.76
CA SER B 73 -0.20 -6.18 -13.29
C SER B 73 0.66 -4.95 -13.61
N VAL B 74 1.92 -5.02 -13.20
CA VAL B 74 2.89 -3.95 -13.44
C VAL B 74 2.79 -3.59 -14.94
N PRO B 75 2.54 -2.31 -15.27
CA PRO B 75 2.44 -2.00 -16.70
C PRO B 75 3.74 -2.26 -17.46
N LYS B 76 3.58 -2.79 -18.67
CA LYS B 76 4.70 -3.13 -19.53
C LYS B 76 4.89 -2.04 -20.57
N VAL B 77 6.11 -1.90 -21.07
CA VAL B 77 6.39 -0.90 -22.09
C VAL B 77 6.01 -1.53 -23.43
N ASP B 78 5.21 -0.81 -24.21
CA ASP B 78 4.77 -1.34 -25.49
C ASP B 78 5.84 -1.25 -26.57
N ASP B 79 5.88 -2.24 -27.44
CA ASP B 79 6.85 -2.32 -28.53
C ASP B 79 6.90 -1.10 -29.46
N GLU B 80 5.77 -0.47 -29.73
CA GLU B 80 5.78 0.70 -30.61
C GLU B 80 6.46 1.88 -29.90
N ILE B 81 6.27 1.98 -28.59
CA ILE B 81 6.90 3.06 -27.82
C ILE B 81 8.36 2.70 -27.60
N LEU B 82 8.62 1.42 -27.32
CA LEU B 82 9.96 0.90 -27.08
C LEU B 82 10.80 1.01 -28.36
N GLY B 83 10.17 0.70 -29.48
CA GLY B 83 10.82 0.77 -30.77
C GLY B 83 11.16 2.22 -31.06
N PHE B 84 10.21 3.10 -30.78
CA PHE B 84 10.40 4.53 -31.01
C PHE B 84 11.54 5.08 -30.12
N ILE B 85 11.55 4.69 -28.86
CA ILE B 85 12.57 5.14 -27.92
C ILE B 85 13.95 4.68 -28.39
N SER B 86 14.04 3.42 -28.79
CA SER B 86 15.29 2.83 -29.27
C SER B 86 15.83 3.57 -30.48
N GLU B 87 14.98 3.80 -31.48
CA GLU B 87 15.37 4.50 -32.69
C GLU B 87 15.82 5.93 -32.39
N ALA B 88 15.28 6.50 -31.31
CA ALA B 88 15.67 7.84 -30.91
C ALA B 88 16.86 7.80 -29.92
N THR B 89 17.43 6.63 -29.69
CA THR B 89 18.57 6.51 -28.77
C THR B 89 19.88 6.37 -29.55
N PRO B 90 20.72 7.42 -29.53
CA PRO B 90 22.01 7.43 -30.23
C PRO B 90 23.00 6.43 -29.63
N ALA B 91 23.88 5.89 -30.45
CA ALA B 91 24.88 4.93 -30.01
C ALA B 91 26.22 5.21 -30.68
N ALA B 92 27.30 5.03 -29.93
CA ALA B 92 28.66 5.25 -30.40
C ALA B 92 29.59 4.82 -29.28
N ALA B 93 30.88 5.13 -29.40
CA ALA B 93 31.84 4.76 -28.36
C ALA B 93 31.76 5.79 -27.23
N THR B 94 32.48 6.89 -27.42
CA THR B 94 32.57 8.00 -26.47
C THR B 94 32.18 7.74 -25.01
N GLN B 95 30.99 8.18 -24.62
CA GLN B 95 30.46 8.04 -23.26
C GLN B 95 31.03 6.89 -22.42
N ALA B 96 30.73 5.65 -22.84
CA ALA B 96 31.19 4.44 -22.14
C ALA B 96 30.57 4.22 -20.76
N SER B 97 30.19 5.31 -20.09
CA SER B 97 29.59 5.23 -18.78
C SER B 97 28.11 4.85 -18.88
N SER B 98 27.84 3.58 -19.19
CA SER B 98 26.46 3.12 -19.31
C SER B 98 25.79 3.04 -17.94
N THR B 99 24.70 3.78 -17.78
CA THR B 99 23.96 3.80 -16.53
C THR B 99 23.08 2.56 -16.39
N GLU B 100 23.11 1.71 -17.41
CA GLU B 100 22.34 0.46 -17.48
C GLU B 100 22.13 -0.21 -16.13
N SER B 101 23.21 -0.38 -15.37
CA SER B 101 23.16 -1.00 -14.05
C SER B 101 22.16 -0.31 -13.17
N CYS B 102 22.50 0.93 -12.87
CA CYS B 102 21.66 1.78 -12.03
C CYS B 102 20.22 1.80 -12.54
N ASP B 103 20.06 2.03 -13.84
CA ASP B 103 18.75 2.07 -14.45
C ASP B 103 17.93 0.80 -14.17
N LYS B 104 18.55 -0.37 -14.25
CA LYS B 104 17.83 -1.60 -13.98
C LYS B 104 17.41 -1.67 -12.52
N HIS B 105 18.25 -1.19 -11.62
CA HIS B 105 17.95 -1.18 -10.19
C HIS B 105 16.78 -0.26 -9.86
N LEU B 106 16.74 0.88 -10.55
CA LEU B 106 15.69 1.85 -10.34
C LEU B 106 14.38 1.30 -10.85
N ASP B 107 14.42 0.73 -12.06
CA ASP B 107 13.22 0.15 -12.67
C ASP B 107 12.68 -1.00 -11.82
N LEU B 108 13.57 -1.79 -11.25
CA LEU B 108 13.15 -2.90 -10.41
C LEU B 108 12.47 -2.36 -9.16
N ALA B 109 13.07 -1.35 -8.55
CA ALA B 109 12.50 -0.76 -7.34
C ALA B 109 11.10 -0.21 -7.60
N LEU B 110 10.92 0.49 -8.73
CA LEU B 110 9.61 1.07 -9.05
C LEU B 110 8.58 -0.02 -9.40
N CYS B 111 9.05 -1.11 -10.01
CA CYS B 111 8.17 -2.22 -10.38
C CYS B 111 7.68 -2.92 -9.11
N ARG B 112 8.61 -3.16 -8.19
CA ARG B 112 8.29 -3.80 -6.94
C ARG B 112 7.38 -2.89 -6.13
N SER B 113 7.59 -1.57 -6.20
CA SER B 113 6.71 -0.64 -5.50
C SER B 113 5.27 -0.81 -6.04
N TYR B 114 5.16 -0.90 -7.35
CA TYR B 114 3.85 -1.05 -7.97
C TYR B 114 3.20 -2.35 -7.55
N GLU B 115 3.97 -3.42 -7.60
CA GLU B 115 3.47 -4.74 -7.28
C GLU B 115 3.04 -4.85 -5.81
N ALA B 116 3.85 -4.31 -4.89
CA ALA B 116 3.51 -4.35 -3.48
C ALA B 116 2.20 -3.60 -3.23
N ALA B 117 2.03 -2.46 -3.90
CA ALA B 117 0.81 -1.64 -3.80
C ALA B 117 -0.42 -2.35 -4.38
N ALA B 118 -0.23 -2.99 -5.53
CA ALA B 118 -1.31 -3.71 -6.18
C ALA B 118 -1.80 -4.84 -5.27
N SER B 119 -0.87 -5.50 -4.60
CA SER B 119 -1.18 -6.58 -3.67
C SER B 119 -2.00 -6.05 -2.49
N ALA B 120 -1.57 -4.91 -1.95
CA ALA B 120 -2.30 -4.24 -0.84
C ALA B 120 -3.71 -3.88 -1.31
N LEU B 121 -3.84 -3.57 -2.59
CA LEU B 121 -5.14 -3.24 -3.19
C LEU B 121 -6.02 -4.49 -3.19
N GLN B 122 -5.45 -5.65 -3.57
CA GLN B 122 -6.23 -6.89 -3.57
C GLN B 122 -6.73 -7.21 -2.18
N ILE B 123 -5.86 -7.03 -1.20
CA ILE B 123 -6.22 -7.29 0.18
C ILE B 123 -7.33 -6.30 0.59
N ALA B 124 -7.14 -5.02 0.29
CA ALA B 124 -8.14 -4.01 0.65
C ALA B 124 -9.50 -4.32 0.07
N ALA B 125 -9.51 -4.78 -1.19
CA ALA B 125 -10.75 -5.15 -1.87
C ALA B 125 -11.47 -6.23 -1.07
N HIS B 126 -10.73 -7.21 -0.59
CA HIS B 126 -11.33 -8.28 0.20
C HIS B 126 -11.81 -7.71 1.53
N THR B 127 -11.05 -6.80 2.09
CA THR B 127 -11.42 -6.18 3.36
C THR B 127 -12.75 -5.43 3.23
N ALA B 128 -12.97 -4.72 2.12
CA ALA B 128 -14.23 -4.01 1.94
C ALA B 128 -15.38 -5.01 1.89
N PHE B 129 -15.20 -6.09 1.12
CA PHE B 129 -16.21 -7.14 1.01
C PHE B 129 -16.56 -7.74 2.37
N VAL B 130 -15.56 -8.18 3.12
CA VAL B 130 -15.77 -8.75 4.44
C VAL B 130 -16.40 -7.72 5.42
N ALA B 131 -15.93 -6.47 5.41
CA ALA B 131 -16.49 -5.44 6.30
C ALA B 131 -17.99 -5.24 6.05
N LYS B 132 -18.35 -5.20 4.79
CA LYS B 132 -19.75 -5.02 4.40
C LYS B 132 -20.58 -6.25 4.79
N SER B 133 -20.04 -7.44 4.58
CA SER B 133 -20.75 -8.67 4.92
C SER B 133 -20.98 -8.71 6.42
N LEU B 134 -19.94 -8.34 7.17
CA LEU B 134 -19.99 -8.31 8.61
C LEU B 134 -21.09 -7.37 9.11
N GLN B 135 -21.26 -6.23 8.46
CA GLN B 135 -22.29 -5.32 8.92
C GLN B 135 -23.70 -5.79 8.65
N ALA B 136 -23.90 -6.52 7.54
CA ALA B 136 -25.21 -7.07 7.21
C ALA B 136 -25.54 -8.16 8.26
N ASP B 137 -24.54 -8.94 8.65
CA ASP B 137 -24.73 -9.98 9.64
C ASP B 137 -25.06 -9.42 11.02
N ILE B 138 -24.34 -8.35 11.43
CA ILE B 138 -24.56 -7.71 12.72
C ILE B 138 -26.02 -7.26 12.81
N SER B 139 -26.52 -6.61 11.77
CA SER B 139 -27.90 -6.18 11.79
C SER B 139 -28.84 -7.39 11.82
N GLN B 140 -28.47 -8.48 11.14
CA GLN B 140 -29.33 -9.67 11.14
C GLN B 140 -29.47 -10.22 12.56
N ALA B 141 -28.36 -10.23 13.29
CA ALA B 141 -28.33 -10.71 14.66
C ALA B 141 -29.16 -9.77 15.55
N ALA B 142 -29.04 -8.48 15.28
CA ALA B 142 -29.75 -7.45 16.01
C ALA B 142 -31.26 -7.70 15.91
N GLN B 143 -31.75 -7.91 14.70
CA GLN B 143 -33.16 -8.16 14.46
C GLN B 143 -33.68 -9.40 15.18
N ILE B 144 -32.85 -10.45 15.23
CA ILE B 144 -33.22 -11.70 15.89
C ILE B 144 -33.46 -11.48 17.37
N ILE B 145 -32.48 -10.88 18.07
CA ILE B 145 -32.60 -10.62 19.49
C ILE B 145 -33.56 -9.48 19.82
N ASN B 146 -33.93 -8.73 18.78
CA ASN B 146 -34.87 -7.62 18.88
C ASN B 146 -36.30 -8.13 18.80
N SER B 147 -36.53 -9.17 17.99
CA SER B 147 -37.85 -9.76 17.85
C SER B 147 -38.11 -10.73 19.01
N ASP B 148 -37.94 -12.03 18.76
CA ASP B 148 -38.16 -13.03 19.81
C ASP B 148 -36.80 -13.51 20.29
N PRO B 149 -36.26 -12.92 21.38
CA PRO B 149 -34.97 -13.24 21.97
C PRO B 149 -34.73 -14.74 22.16
N SER B 150 -35.81 -15.51 22.28
CA SER B 150 -35.73 -16.95 22.45
C SER B 150 -34.76 -17.60 21.45
N ASP B 151 -34.65 -16.98 20.27
CA ASP B 151 -33.76 -17.48 19.21
C ASP B 151 -32.28 -17.20 19.50
N ALA B 152 -31.90 -17.38 20.76
CA ALA B 152 -30.54 -17.15 21.22
C ALA B 152 -29.50 -17.88 20.37
N GLN B 153 -29.67 -19.19 20.19
CA GLN B 153 -28.72 -19.97 19.40
C GLN B 153 -28.63 -19.49 17.95
N GLN B 154 -29.72 -18.93 17.44
CA GLN B 154 -29.74 -18.42 16.07
C GLN B 154 -28.82 -17.19 16.00
N ALA B 155 -28.99 -16.28 16.96
CA ALA B 155 -28.18 -15.07 17.02
C ALA B 155 -26.71 -15.43 17.29
N LEU B 156 -26.48 -16.40 18.17
CA LEU B 156 -25.13 -16.84 18.50
C LEU B 156 -24.38 -17.38 17.28
N ARG B 157 -25.07 -18.07 16.39
CA ARG B 157 -24.45 -18.59 15.18
C ARG B 157 -24.12 -17.45 14.23
N ILE B 158 -24.97 -16.42 14.21
CA ILE B 158 -24.74 -15.28 13.36
C ILE B 158 -23.52 -14.53 13.90
N LEU B 159 -23.49 -14.37 15.21
CA LEU B 159 -22.41 -13.68 15.89
C LEU B 159 -21.10 -14.45 15.81
N ASN B 160 -21.20 -15.77 15.71
CA ASN B 160 -19.98 -16.57 15.64
C ASN B 160 -19.33 -16.28 14.29
N ARG B 161 -20.15 -16.09 13.28
CA ARG B 161 -19.68 -15.79 11.94
C ARG B 161 -19.05 -14.37 11.92
N THR B 162 -19.68 -13.40 12.58
CA THR B 162 -19.13 -12.04 12.63
C THR B 162 -17.79 -12.03 13.36
N TYR B 163 -17.67 -12.92 14.34
CA TYR B 163 -16.44 -13.04 15.13
C TYR B 163 -15.27 -13.46 14.21
N ASP B 164 -15.53 -14.43 13.34
CA ASP B 164 -14.54 -14.92 12.39
C ASP B 164 -14.17 -13.82 11.39
N ALA B 165 -15.18 -13.16 10.83
CA ALA B 165 -14.95 -12.06 9.90
C ALA B 165 -14.04 -10.99 10.53
N ALA B 166 -14.23 -10.72 11.83
CA ALA B 166 -13.41 -9.71 12.52
C ALA B 166 -11.95 -10.16 12.64
N SER B 167 -11.74 -11.45 12.90
CA SER B 167 -10.35 -11.93 13.00
C SER B 167 -9.74 -11.92 11.58
N TYR B 168 -10.55 -12.21 10.57
CA TYR B 168 -10.09 -12.20 9.18
C TYR B 168 -9.59 -10.78 8.88
N LEU B 169 -10.38 -9.79 9.30
CA LEU B 169 -10.04 -8.39 9.10
C LEU B 169 -8.73 -7.99 9.78
N CYS B 170 -8.48 -8.53 10.97
CA CYS B 170 -7.24 -8.24 11.69
C CYS B 170 -6.10 -8.87 10.90
N ASP B 171 -6.28 -10.10 10.41
CA ASP B 171 -5.25 -10.77 9.61
C ASP B 171 -4.95 -9.95 8.33
N ALA B 172 -6.00 -9.54 7.63
CA ALA B 172 -5.86 -8.74 6.42
C ALA B 172 -5.08 -7.45 6.71
N ALA B 173 -5.38 -6.82 7.84
CA ALA B 173 -4.70 -5.58 8.23
C ALA B 173 -3.19 -5.83 8.41
N PHE B 174 -2.80 -6.98 8.97
CA PHE B 174 -1.39 -7.29 9.12
C PHE B 174 -0.73 -7.57 7.77
N ASP B 175 -1.47 -8.19 6.85
CA ASP B 175 -0.94 -8.44 5.52
C ASP B 175 -0.76 -7.10 4.75
N GLU B 176 -1.67 -6.14 4.98
N GLU B 176 -1.68 -6.16 4.98
CA GLU B 176 -1.59 -4.83 4.33
CA GLU B 176 -1.62 -4.84 4.35
C GLU B 176 -0.35 -4.09 4.85
C GLU B 176 -0.37 -4.10 4.85
N VAL B 177 -0.11 -4.22 6.16
CA VAL B 177 1.05 -3.59 6.79
C VAL B 177 2.33 -4.19 6.17
N ARG B 178 2.33 -5.50 5.97
CA ARG B 178 3.48 -6.20 5.37
C ARG B 178 3.74 -5.70 3.93
N MSE B 179 2.69 -5.65 3.12
CA MSE B 179 2.82 -5.16 1.75
C MSE B 179 3.33 -3.72 1.70
O MSE B 179 4.17 -3.39 0.85
CB MSE B 179 1.49 -5.30 0.98
CG MSE B 179 1.04 -6.75 0.71
SE MSE B 179 2.47 -7.92 0.04
CE MSE B 179 3.18 -6.81 -1.31
N SER B 180 2.84 -2.89 2.61
CA SER B 180 3.27 -1.49 2.69
C SER B 180 4.75 -1.38 3.08
N ALA B 181 5.19 -2.24 3.99
CA ALA B 181 6.58 -2.26 4.43
C ALA B 181 7.49 -2.64 3.26
N CYS B 182 7.04 -3.56 2.43
CA CYS B 182 7.80 -4.03 1.26
C CYS B 182 7.94 -2.88 0.27
N ALA B 183 6.84 -2.16 0.04
CA ALA B 183 6.83 -1.04 -0.88
C ALA B 183 7.82 0.02 -0.41
N MSE B 184 7.76 0.34 0.87
CA MSE B 184 8.66 1.31 1.48
C MSE B 184 10.11 0.83 1.36
O MSE B 184 11.00 1.63 1.10
CB MSE B 184 8.27 1.50 2.95
CG MSE B 184 6.97 2.32 3.15
SE MSE B 184 6.07 1.90 4.82
CE MSE B 184 6.91 3.19 5.98
N GLY B 185 10.34 -0.46 1.56
CA GLY B 185 11.68 -1.00 1.41
C GLY B 185 12.17 -0.85 -0.03
N SER B 186 11.30 -1.13 -1.00
CA SER B 186 11.66 -1.02 -2.41
C SER B 186 11.93 0.43 -2.81
N SER B 187 11.11 1.33 -2.31
CA SER B 187 11.29 2.75 -2.58
C SER B 187 12.68 3.18 -2.07
N THR B 188 12.99 2.76 -0.85
CA THR B 188 14.27 3.08 -0.21
C THR B 188 15.44 2.47 -0.99
N MSE B 189 15.29 1.25 -1.49
CA MSE B 189 16.33 0.61 -2.28
C MSE B 189 16.60 1.46 -3.55
O MSE B 189 17.74 1.80 -3.87
CB MSE B 189 15.93 -0.81 -2.67
CG MSE B 189 17.00 -1.55 -3.48
SE MSE B 189 16.37 -3.14 -4.40
CE MSE B 189 15.86 -2.31 -6.08
N GLY B 190 15.53 1.82 -4.24
CA GLY B 190 15.67 2.62 -5.43
C GLY B 190 16.42 3.91 -5.15
N ARG B 191 16.07 4.58 -4.05
CA ARG B 191 16.71 5.85 -3.69
C ARG B 191 18.15 5.69 -3.24
N ARG B 192 18.49 4.56 -2.63
CA ARG B 192 19.89 4.34 -2.24
C ARG B 192 20.75 4.33 -3.51
N TYR B 193 20.32 3.61 -4.54
CA TYR B 193 21.06 3.55 -5.81
C TYR B 193 21.11 4.92 -6.45
N LEU B 194 19.99 5.64 -6.38
CA LEU B 194 19.93 6.96 -6.97
C LEU B 194 20.86 7.98 -6.34
N TRP B 195 20.92 8.00 -5.00
CA TRP B 195 21.75 8.94 -4.27
C TRP B 195 23.24 8.58 -4.19
N LEU B 196 23.58 7.31 -4.31
CA LEU B 196 24.98 6.89 -4.28
C LEU B 196 25.66 7.06 -5.65
N LYS B 197 24.87 7.16 -6.71
CA LYS B 197 25.36 7.28 -8.08
C LYS B 197 26.53 8.25 -8.29
N ASP B 198 26.34 9.51 -7.87
CA ASP B 198 27.37 10.53 -8.00
C ASP B 198 28.04 10.83 -6.66
N CYS B 199 28.00 9.87 -5.75
CA CYS B 199 28.61 10.05 -4.42
C CYS B 199 30.07 9.63 -4.52
N LYS B 200 30.95 10.59 -4.28
CA LYS B 200 32.39 10.37 -4.37
C LYS B 200 32.98 9.46 -3.28
N ILE B 201 32.57 8.20 -3.29
CA ILE B 201 33.06 7.23 -2.34
C ILE B 201 33.36 5.97 -3.11
N SER B 202 34.16 5.10 -2.52
CA SER B 202 34.55 3.85 -3.15
C SER B 202 33.39 2.93 -3.43
N PRO B 203 33.55 2.02 -4.39
CA PRO B 203 32.51 1.05 -4.76
C PRO B 203 32.16 0.09 -3.63
N ALA B 204 33.16 -0.28 -2.83
CA ALA B 204 32.93 -1.22 -1.72
C ALA B 204 32.04 -0.59 -0.65
N SER B 205 32.25 0.69 -0.39
CA SER B 205 31.45 1.40 0.59
C SER B 205 29.99 1.52 0.09
N LYS B 206 29.83 1.75 -1.21
CA LYS B 206 28.53 1.89 -1.84
C LYS B 206 27.76 0.58 -1.78
N ASN B 207 28.47 -0.53 -1.97
CA ASN B 207 27.83 -1.82 -1.93
C ASN B 207 27.30 -2.05 -0.51
N LYS B 208 28.16 -1.82 0.48
CA LYS B 208 27.81 -1.98 1.89
C LYS B 208 26.58 -1.15 2.31
N LEU B 209 26.57 0.13 1.95
CA LEU B 209 25.46 1.01 2.29
C LEU B 209 24.15 0.59 1.62
N THR B 210 24.25 0.16 0.38
CA THR B 210 23.09 -0.28 -0.39
C THR B 210 22.39 -1.55 0.13
N VAL B 211 23.16 -2.52 0.64
CA VAL B 211 22.57 -3.77 1.13
C VAL B 211 22.31 -3.82 2.64
N ALA B 212 22.64 -2.74 3.32
CA ALA B 212 22.44 -2.66 4.76
C ALA B 212 20.95 -2.74 5.08
N PRO B 213 20.62 -3.12 6.32
CA PRO B 213 19.22 -3.21 6.73
C PRO B 213 18.66 -1.79 6.72
N PHE B 214 17.38 -1.62 6.44
CA PHE B 214 16.80 -0.29 6.48
C PHE B 214 16.18 -0.13 7.85
N LYS B 215 16.39 1.01 8.49
CA LYS B 215 15.87 1.23 9.82
C LYS B 215 14.88 2.39 9.95
N GLY B 216 14.59 3.07 8.84
CA GLY B 216 13.69 4.21 8.89
C GLY B 216 14.47 5.43 9.32
N GLY B 217 13.88 6.61 9.18
CA GLY B 217 14.58 7.83 9.58
C GLY B 217 15.43 8.38 8.45
N THR B 218 16.50 7.68 8.13
CA THR B 218 17.37 8.08 7.03
C THR B 218 17.63 6.90 6.08
N LEU B 219 17.96 7.22 4.84
CA LEU B 219 18.20 6.21 3.80
C LEU B 219 19.28 5.20 4.21
N PHE B 220 20.32 5.68 4.88
CA PHE B 220 21.41 4.78 5.27
C PHE B 220 21.66 4.63 6.78
N GLY B 221 20.83 5.31 7.58
CA GLY B 221 20.97 5.26 9.04
C GLY B 221 21.19 3.88 9.61
N GLY B 222 22.06 3.80 10.63
CA GLY B 222 22.37 2.53 11.24
C GLY B 222 23.61 1.89 10.65
N GLU B 223 23.91 2.23 9.40
CA GLU B 223 25.08 1.68 8.72
C GLU B 223 26.06 2.78 8.31
N VAL B 224 25.52 3.96 7.99
CA VAL B 224 26.33 5.10 7.54
C VAL B 224 27.60 5.41 8.35
N HIS B 225 27.48 5.45 9.67
CA HIS B 225 28.59 5.75 10.58
C HIS B 225 29.75 4.75 10.52
N LYS B 226 29.46 3.54 10.04
CA LYS B 226 30.47 2.49 9.92
C LYS B 226 31.38 2.75 8.71
N VAL B 227 31.03 3.76 7.91
CA VAL B 227 31.84 4.07 6.74
C VAL B 227 32.19 5.57 6.65
N ILE B 228 31.30 6.43 7.12
CA ILE B 228 31.53 7.87 7.10
C ILE B 228 31.16 8.50 8.45
N LYS B 229 32.14 9.13 9.10
CA LYS B 229 31.92 9.77 10.39
C LYS B 229 31.21 11.10 10.14
N LYS B 230 30.49 11.57 11.15
CA LYS B 230 29.76 12.84 11.05
C LYS B 230 30.65 14.00 11.53
N ARG B 231 30.20 15.23 11.24
CA ARG B 231 30.93 16.43 11.64
C ARG B 231 31.02 16.53 13.16
#